data_3ADX
#
_entry.id   3ADX
#
_cell.length_a   93.051
_cell.length_b   61.742
_cell.length_c   118.480
_cell.angle_alpha   90.00
_cell.angle_beta   102.85
_cell.angle_gamma   90.00
#
_symmetry.space_group_name_H-M   'C 1 2 1'
#
loop_
_entity.id
_entity.type
_entity.pdbx_description
1 polymer 'Peroxisome proliferator-activated receptor gamma'
2 non-polymer '3-[5-(2-nitropent-1-en-1-yl)furan-2-yl]benzoic acid'
3 non-polymer INDOMETHACIN
4 water water
#
_entity_poly.entity_id   1
_entity_poly.type   'polypeptide(L)'
_entity_poly.pdbx_seq_one_letter_code
;GSHMAEISSDIDQLNPESADLRALAKHLYDSYIKSFPLTKAKARAILTGKTTDKSPFVIYDMNSLMMGEDKIKFKHITPL
QEQSKEVAIRIFQGCQFRSVEAVQEITEYAKSIPGFVNLDLNDQVTLLKYGVHEIIYTMLASLMNKDGVLISEGQGFMTR
EFLKSLRKPFGDFMEPKFEFAVKFNALELDDSDLAIFIAVIILSGDRPGLLNVKPIEDIQDNLLQALELQLKLNHPESSQ
LFAKLLQKMTDLRQIVTEHVQLLQVIKKTETDMSLHPLLQEIYKDLY
;
_entity_poly.pdbx_strand_id   A,B
#
loop_
_chem_comp.id
_chem_comp.type
_chem_comp.name
_chem_comp.formula
IMN non-polymer INDOMETHACIN 'C19 H16 Cl N O4'
NRO non-polymer '3-[5-(2-nitropent-1-en-1-yl)furan-2-yl]benzoic acid' 'C16 H15 N O5'
#
# COMPACT_ATOMS: atom_id res chain seq x y z
N GLN A 13 -22.73 7.24 24.70
CA GLN A 13 -24.07 6.65 24.50
C GLN A 13 -24.04 5.62 23.37
N LEU A 14 -23.69 4.37 23.72
CA LEU A 14 -23.62 3.30 22.73
C LEU A 14 -24.98 3.12 22.04
N ASN A 15 -24.96 3.03 20.72
CA ASN A 15 -26.17 2.84 19.93
C ASN A 15 -26.35 1.36 19.61
N PRO A 16 -27.48 1.00 19.01
CA PRO A 16 -27.72 -0.39 18.66
C PRO A 16 -26.65 -0.85 17.67
N GLU A 17 -26.32 0.02 16.71
CA GLU A 17 -25.31 -0.30 15.72
C GLU A 17 -23.90 -0.35 16.32
N SER A 18 -23.52 0.68 17.06
CA SER A 18 -22.20 0.71 17.65
C SER A 18 -22.05 -0.40 18.68
N ALA A 19 -23.18 -0.88 19.20
CA ALA A 19 -23.16 -1.95 20.18
C ALA A 19 -22.64 -3.24 19.54
N ASP A 20 -23.11 -3.56 18.34
CA ASP A 20 -22.66 -4.77 17.65
C ASP A 20 -21.20 -4.68 17.24
N LEU A 21 -20.76 -3.48 16.89
CA LEU A 21 -19.38 -3.26 16.50
C LEU A 21 -18.43 -3.46 17.69
N ARG A 22 -18.88 -3.07 18.88
CA ARG A 22 -18.06 -3.24 20.08
C ARG A 22 -17.98 -4.71 20.43
N ALA A 23 -19.05 -5.44 20.17
CA ALA A 23 -19.09 -6.86 20.45
C ALA A 23 -18.11 -7.56 19.52
N LEU A 24 -18.06 -7.11 18.27
CA LEU A 24 -17.15 -7.70 17.30
C LEU A 24 -15.71 -7.45 17.72
N ALA A 25 -15.44 -6.22 18.15
CA ALA A 25 -14.10 -5.82 18.60
C ALA A 25 -13.67 -6.69 19.77
N LYS A 26 -14.59 -6.92 20.71
CA LYS A 26 -14.29 -7.74 21.87
C LYS A 26 -13.99 -9.16 21.43
N HIS A 27 -14.82 -9.70 20.56
CA HIS A 27 -14.65 -11.05 20.06
C HIS A 27 -13.27 -11.25 19.44
N LEU A 28 -12.91 -10.34 18.55
CA LEU A 28 -11.63 -10.41 17.87
C LEU A 28 -10.45 -10.31 18.83
N TYR A 29 -10.54 -9.41 19.80
CA TYR A 29 -9.45 -9.24 20.76
C TYR A 29 -9.28 -10.55 21.55
N ASP A 30 -10.41 -11.12 21.95
CA ASP A 30 -10.42 -12.38 22.69
C ASP A 30 -9.70 -13.48 21.89
N SER A 31 -10.06 -13.66 20.62
CA SER A 31 -9.43 -14.69 19.77
C SER A 31 -7.97 -14.40 19.52
N TYR A 32 -7.62 -13.12 19.47
CA TYR A 32 -6.24 -12.69 19.25
C TYR A 32 -5.38 -13.16 20.44
N ILE A 33 -5.85 -12.86 21.65
CA ILE A 33 -5.12 -13.26 22.85
C ILE A 33 -4.97 -14.77 22.86
N LYS A 34 -6.02 -15.47 22.47
CA LYS A 34 -6.01 -16.93 22.46
C LYS A 34 -5.14 -17.53 21.36
N SER A 35 -4.94 -16.80 20.26
CA SER A 35 -4.14 -17.30 19.13
C SER A 35 -2.68 -16.89 19.07
N PHE A 36 -2.33 -15.77 19.69
CA PHE A 36 -0.96 -15.27 19.66
C PHE A 36 -0.36 -15.25 21.06
N PRO A 37 0.52 -16.21 21.37
CA PRO A 37 1.21 -16.36 22.67
C PRO A 37 1.97 -15.15 23.15
N LEU A 38 2.61 -14.44 22.23
CA LEU A 38 3.40 -13.26 22.59
C LEU A 38 2.75 -11.99 22.05
N THR A 39 2.00 -11.32 22.91
CA THR A 39 1.27 -10.10 22.56
C THR A 39 2.18 -8.87 22.59
N LYS A 40 1.72 -7.77 22.00
CA LYS A 40 2.49 -6.54 22.05
C LYS A 40 2.62 -6.10 23.51
N ALA A 41 1.57 -6.30 24.30
CA ALA A 41 1.62 -5.92 25.71
C ALA A 41 2.81 -6.60 26.43
N LYS A 42 3.00 -7.88 26.17
CA LYS A 42 4.10 -8.61 26.79
C LYS A 42 5.45 -8.17 26.23
N ALA A 43 5.51 -8.02 24.91
CA ALA A 43 6.73 -7.58 24.25
C ALA A 43 7.21 -6.25 24.86
N ARG A 44 6.29 -5.30 25.01
CA ARG A 44 6.62 -4.01 25.57
C ARG A 44 7.12 -4.14 27.00
N ALA A 45 6.47 -4.99 27.78
CA ALA A 45 6.86 -5.17 29.16
C ALA A 45 8.28 -5.71 29.23
N ILE A 46 8.64 -6.59 28.29
CA ILE A 46 9.99 -7.15 28.26
C ILE A 46 10.98 -6.08 27.80
N LEU A 47 10.64 -5.39 26.73
CA LEU A 47 11.50 -4.35 26.16
C LEU A 47 11.72 -3.09 27.02
N THR A 48 10.76 -2.73 27.87
CA THR A 48 10.91 -1.52 28.68
C THR A 48 11.55 -1.64 30.07
N GLY A 49 11.02 -2.50 30.92
CA GLY A 49 11.60 -2.63 32.26
C GLY A 49 10.84 -3.50 33.24
N LYS A 50 11.59 -4.25 34.04
CA LYS A 50 11.10 -5.21 35.07
C LYS A 50 12.31 -6.06 35.49
N THR A 51 12.14 -6.91 36.50
CA THR A 51 13.24 -7.78 36.96
C THR A 51 12.97 -9.24 36.69
N THR A 52 11.71 -9.64 36.82
CA THR A 52 11.30 -11.04 36.60
C THR A 52 11.99 -11.52 35.33
N ASP A 53 12.09 -12.83 35.17
CA ASP A 53 12.77 -13.41 34.01
C ASP A 53 12.38 -12.75 32.68
N LYS A 54 11.66 -11.63 32.79
CA LYS A 54 11.24 -10.87 31.63
C LYS A 54 12.43 -10.23 30.92
N SER A 55 13.57 -10.15 31.60
CA SER A 55 14.78 -9.57 31.00
C SER A 55 15.32 -10.54 29.97
N PRO A 56 15.46 -10.10 28.71
CA PRO A 56 15.99 -10.98 27.66
C PRO A 56 17.51 -11.01 27.63
N PHE A 57 18.07 -12.07 27.07
CA PHE A 57 19.51 -12.16 26.91
C PHE A 57 19.75 -11.42 25.61
N VAL A 58 20.78 -10.59 25.55
CA VAL A 58 21.03 -9.81 24.35
C VAL A 58 22.15 -10.35 23.46
N ILE A 59 21.81 -10.62 22.21
CA ILE A 59 22.76 -11.13 21.23
C ILE A 59 23.13 -9.97 20.31
N TYR A 60 24.39 -9.57 20.38
CA TYR A 60 24.87 -8.44 19.60
C TYR A 60 26.17 -8.77 18.87
N ASP A 61 26.62 -10.02 18.97
CA ASP A 61 27.83 -10.45 18.30
C ASP A 61 27.96 -11.97 18.28
N MET A 62 29.01 -12.45 17.62
CA MET A 62 29.27 -13.88 17.51
C MET A 62 29.37 -14.60 18.85
N ASN A 63 30.14 -14.06 19.79
CA ASN A 63 30.29 -14.70 21.10
C ASN A 63 28.99 -14.72 21.88
N SER A 64 28.28 -13.58 21.90
CA SER A 64 27.02 -13.51 22.63
C SER A 64 26.03 -14.47 21.98
N LEU A 65 26.12 -14.62 20.66
CA LEU A 65 25.25 -15.54 19.93
C LEU A 65 25.56 -16.95 20.42
N MET A 66 26.85 -17.26 20.50
CA MET A 66 27.31 -18.57 20.96
C MET A 66 26.75 -18.84 22.36
N MET A 67 26.86 -17.87 23.26
CA MET A 67 26.34 -18.03 24.62
C MET A 67 24.82 -18.04 24.62
N GLY A 68 24.23 -17.32 23.68
CA GLY A 68 22.78 -17.28 23.59
C GLY A 68 22.23 -18.68 23.39
N GLU A 69 22.83 -19.41 22.46
CA GLU A 69 22.40 -20.77 22.17
C GLU A 69 22.46 -21.60 23.46
N ASP A 70 23.35 -21.22 24.36
CA ASP A 70 23.48 -21.94 25.63
C ASP A 70 22.49 -21.45 26.67
N LYS A 71 22.31 -20.14 26.76
CA LYS A 71 21.39 -19.54 27.73
C LYS A 71 19.93 -19.64 27.30
N ILE A 72 19.61 -19.05 26.16
CA ILE A 72 18.24 -19.05 25.65
C ILE A 72 17.70 -20.43 25.30
N LYS A 73 16.45 -20.65 25.69
CA LYS A 73 15.77 -21.90 25.44
C LYS A 73 15.41 -22.03 23.96
N PHE A 74 16.43 -21.96 23.10
CA PHE A 74 16.22 -22.10 21.65
C PHE A 74 15.81 -23.54 21.41
N LYS A 75 15.12 -24.14 22.39
CA LYS A 75 14.69 -25.54 22.29
C LYS A 75 14.63 -25.99 20.84
N HIS A 76 14.00 -25.16 20.01
CA HIS A 76 13.96 -25.46 18.59
C HIS A 76 13.77 -24.25 17.71
N ILE A 77 14.89 -23.64 17.35
CA ILE A 77 14.92 -22.48 16.47
C ILE A 77 16.29 -22.61 15.82
N THR A 78 16.64 -23.87 15.57
CA THR A 78 17.88 -24.28 14.96
C THR A 78 17.62 -25.70 14.44
N PRO A 79 17.86 -25.93 13.13
CA PRO A 79 17.65 -27.22 12.46
C PRO A 79 18.36 -28.42 13.09
N LEU A 80 19.31 -29.00 12.35
CA LEU A 80 20.04 -30.16 12.84
C LEU A 80 21.55 -29.92 12.99
N GLN A 81 22.02 -28.75 12.52
CA GLN A 81 23.44 -28.43 12.64
C GLN A 81 23.67 -26.99 13.11
N GLU A 82 24.86 -26.75 13.66
CA GLU A 82 25.21 -25.42 14.16
C GLU A 82 26.56 -24.92 13.65
N GLN A 83 27.54 -25.82 13.54
CA GLN A 83 28.86 -25.44 13.06
C GLN A 83 28.83 -25.04 11.60
N SER A 84 27.63 -24.70 11.12
CA SER A 84 27.46 -24.28 9.73
C SER A 84 28.18 -22.95 9.56
N LYS A 85 29.52 -23.04 9.50
CA LYS A 85 30.42 -21.89 9.34
C LYS A 85 29.82 -20.52 9.69
N GLU A 86 28.85 -20.08 8.90
CA GLU A 86 28.21 -18.79 9.15
C GLU A 86 26.94 -18.86 9.99
N VAL A 87 26.82 -17.92 10.91
CA VAL A 87 25.66 -17.83 11.77
C VAL A 87 24.51 -17.30 10.92
N ALA A 88 24.87 -16.65 9.82
CA ALA A 88 23.89 -16.07 8.89
C ALA A 88 22.82 -17.07 8.48
N ILE A 89 23.23 -18.32 8.24
CA ILE A 89 22.28 -19.34 7.82
C ILE A 89 21.52 -19.93 9.01
N ARG A 90 22.13 -19.91 10.19
CA ARG A 90 21.49 -20.43 11.38
C ARG A 90 20.35 -19.48 11.76
N ILE A 91 20.59 -18.18 11.59
CA ILE A 91 19.58 -17.18 11.88
C ILE A 91 18.49 -17.35 10.85
N PHE A 92 18.91 -17.59 9.61
CA PHE A 92 17.98 -17.79 8.49
C PHE A 92 17.01 -18.92 8.80
N GLN A 93 17.56 -20.06 9.20
CA GLN A 93 16.75 -21.23 9.52
C GLN A 93 15.81 -20.94 10.69
N GLY A 94 16.31 -20.24 11.69
CA GLY A 94 15.50 -19.91 12.85
C GLY A 94 14.34 -18.99 12.53
N CYS A 95 14.61 -17.99 11.70
CA CYS A 95 13.60 -17.02 11.29
C CYS A 95 12.55 -17.72 10.42
N GLN A 96 13.01 -18.66 9.60
CA GLN A 96 12.14 -19.42 8.71
C GLN A 96 11.15 -20.23 9.52
N PHE A 97 11.66 -20.93 10.54
CA PHE A 97 10.85 -21.76 11.42
C PHE A 97 9.79 -20.95 12.14
N ARG A 98 10.18 -19.79 12.66
CA ARG A 98 9.27 -18.92 13.37
C ARG A 98 8.14 -18.45 12.44
N SER A 99 8.47 -18.13 11.20
CA SER A 99 7.46 -17.68 10.23
C SER A 99 6.41 -18.76 10.02
N VAL A 100 6.85 -20.00 9.87
CA VAL A 100 5.92 -21.11 9.68
C VAL A 100 4.99 -21.16 10.90
N GLU A 101 5.57 -21.05 12.09
CA GLU A 101 4.78 -21.06 13.31
C GLU A 101 3.77 -19.89 13.30
N ALA A 102 4.22 -18.73 12.83
CA ALA A 102 3.35 -17.54 12.76
C ALA A 102 2.22 -17.78 11.77
N VAL A 103 2.53 -18.42 10.65
CA VAL A 103 1.48 -18.72 9.67
C VAL A 103 0.42 -19.55 10.39
N GLN A 104 0.88 -20.52 11.18
CA GLN A 104 -0.03 -21.39 11.92
C GLN A 104 -0.92 -20.59 12.88
N GLU A 105 -0.32 -19.67 13.63
CA GLU A 105 -1.08 -18.85 14.56
C GLU A 105 -2.09 -17.98 13.80
N ILE A 106 -1.63 -17.34 12.73
CA ILE A 106 -2.50 -16.47 11.95
C ILE A 106 -3.66 -17.26 11.35
N THR A 107 -3.37 -18.47 10.89
CA THR A 107 -4.41 -19.30 10.30
C THR A 107 -5.48 -19.60 11.35
N GLU A 108 -5.05 -19.87 12.59
CA GLU A 108 -6.02 -20.12 13.65
C GLU A 108 -6.83 -18.85 13.95
N TYR A 109 -6.18 -17.69 13.97
CA TYR A 109 -6.92 -16.46 14.24
C TYR A 109 -7.98 -16.26 13.15
N ALA A 110 -7.58 -16.46 11.90
CA ALA A 110 -8.46 -16.28 10.75
C ALA A 110 -9.78 -17.02 10.87
N LYS A 111 -9.72 -18.28 11.31
CA LYS A 111 -10.94 -19.08 11.44
C LYS A 111 -11.90 -18.46 12.44
N SER A 112 -11.39 -17.63 13.34
CA SER A 112 -12.25 -16.98 14.34
C SER A 112 -12.95 -15.72 13.79
N ILE A 113 -12.48 -15.22 12.65
CA ILE A 113 -13.11 -14.03 12.07
C ILE A 113 -14.48 -14.39 11.54
N PRO A 114 -15.55 -13.80 12.10
CA PRO A 114 -16.90 -14.09 11.67
C PRO A 114 -17.10 -14.09 10.16
N GLY A 115 -17.52 -15.24 9.64
CA GLY A 115 -17.78 -15.40 8.22
C GLY A 115 -16.64 -15.98 7.40
N PHE A 116 -15.42 -15.89 7.90
CA PHE A 116 -14.28 -16.39 7.15
C PHE A 116 -14.36 -17.86 6.75
N VAL A 117 -14.72 -18.74 7.68
CA VAL A 117 -14.80 -20.16 7.36
C VAL A 117 -16.03 -20.52 6.54
N ASN A 118 -16.94 -19.56 6.36
CA ASN A 118 -18.14 -19.80 5.55
C ASN A 118 -17.92 -19.45 4.06
N LEU A 119 -16.77 -18.86 3.76
CA LEU A 119 -16.43 -18.47 2.39
C LEU A 119 -15.95 -19.69 1.60
N ASP A 120 -15.98 -19.60 0.28
CA ASP A 120 -15.51 -20.68 -0.58
C ASP A 120 -14.10 -21.06 -0.12
N LEU A 121 -13.83 -22.35 -0.05
CA LEU A 121 -12.52 -22.81 0.41
C LEU A 121 -11.32 -22.30 -0.39
N ASN A 122 -11.47 -22.16 -1.72
CA ASN A 122 -10.36 -21.67 -2.52
C ASN A 122 -10.00 -20.23 -2.14
N ASP A 123 -11.03 -19.45 -1.82
CA ASP A 123 -10.82 -18.06 -1.41
C ASP A 123 -10.20 -17.99 -0.02
N GLN A 124 -10.56 -18.92 0.87
CA GLN A 124 -9.97 -18.93 2.20
C GLN A 124 -8.46 -19.08 2.03
N VAL A 125 -8.08 -19.98 1.13
CA VAL A 125 -6.67 -20.23 0.85
C VAL A 125 -6.02 -18.99 0.23
N THR A 126 -6.71 -18.36 -0.71
CA THR A 126 -6.16 -17.17 -1.35
C THR A 126 -5.96 -16.04 -0.35
N LEU A 127 -6.97 -15.80 0.48
CA LEU A 127 -6.89 -14.76 1.48
C LEU A 127 -5.71 -14.99 2.43
N LEU A 128 -5.50 -16.23 2.82
CA LEU A 128 -4.38 -16.54 3.72
C LEU A 128 -3.05 -16.40 2.99
N LYS A 129 -2.99 -16.88 1.76
CA LYS A 129 -1.78 -16.82 0.97
C LYS A 129 -1.21 -15.40 0.87
N TYR A 130 -2.08 -14.43 0.63
CA TYR A 130 -1.63 -13.05 0.49
C TYR A 130 -1.65 -12.22 1.75
N GLY A 131 -2.43 -12.62 2.73
CA GLY A 131 -2.49 -11.82 3.95
C GLY A 131 -1.49 -12.17 5.04
N VAL A 132 -1.07 -13.43 5.08
CA VAL A 132 -0.16 -13.86 6.16
C VAL A 132 1.14 -13.07 6.31
N HIS A 133 1.85 -12.79 5.21
CA HIS A 133 3.08 -12.03 5.38
C HIS A 133 2.84 -10.57 5.79
N GLU A 134 1.75 -9.98 5.32
CA GLU A 134 1.45 -8.60 5.69
C GLU A 134 1.17 -8.57 7.19
N ILE A 135 0.54 -9.63 7.68
CA ILE A 135 0.25 -9.72 9.10
C ILE A 135 1.55 -9.95 9.88
N ILE A 136 2.40 -10.83 9.37
CA ILE A 136 3.65 -11.12 10.03
C ILE A 136 4.48 -9.85 10.24
N TYR A 137 4.53 -8.98 9.24
CA TYR A 137 5.32 -7.74 9.40
C TYR A 137 4.65 -6.79 10.37
N THR A 138 3.33 -6.73 10.33
CA THR A 138 2.59 -5.87 11.24
C THR A 138 2.92 -6.27 12.69
N MET A 139 2.76 -7.55 12.99
CA MET A 139 3.01 -8.07 14.34
C MET A 139 4.49 -8.09 14.74
N LEU A 140 5.38 -8.25 13.77
CA LEU A 140 6.81 -8.26 14.07
C LEU A 140 7.18 -6.91 14.68
N ALA A 141 6.50 -5.85 14.25
CA ALA A 141 6.77 -4.51 14.78
C ALA A 141 6.55 -4.47 16.30
N SER A 142 5.59 -5.25 16.78
CA SER A 142 5.31 -5.27 18.21
C SER A 142 6.52 -5.78 18.97
N LEU A 143 7.36 -6.58 18.30
CA LEU A 143 8.54 -7.15 18.94
C LEU A 143 9.82 -6.34 18.72
N MET A 144 9.71 -5.21 18.00
CA MET A 144 10.88 -4.39 17.71
C MET A 144 10.88 -2.97 18.32
N ASN A 145 12.07 -2.40 18.41
CA ASN A 145 12.26 -1.01 18.82
C ASN A 145 13.38 -0.62 17.88
N LYS A 146 13.79 0.64 17.88
CA LYS A 146 14.83 1.08 16.96
C LYS A 146 16.17 0.34 17.09
N ASP A 147 16.39 -0.35 18.21
CA ASP A 147 17.66 -1.03 18.41
C ASP A 147 17.71 -2.55 18.24
N GLY A 148 16.56 -3.20 18.07
CA GLY A 148 16.61 -4.65 17.91
C GLY A 148 15.29 -5.36 17.95
N VAL A 149 15.32 -6.68 17.97
CA VAL A 149 14.10 -7.47 17.98
C VAL A 149 14.08 -8.64 18.95
N LEU A 150 12.97 -8.80 19.65
CA LEU A 150 12.81 -9.90 20.59
C LEU A 150 12.73 -11.21 19.81
N ILE A 151 13.36 -12.26 20.33
CA ILE A 151 13.35 -13.56 19.68
C ILE A 151 13.12 -14.67 20.71
N SER A 152 12.84 -15.87 20.22
CA SER A 152 12.61 -17.01 21.08
C SER A 152 11.61 -16.69 22.20
N GLU A 153 10.38 -16.37 21.79
CA GLU A 153 9.30 -16.04 22.71
C GLU A 153 9.67 -14.93 23.70
N GLY A 154 10.50 -14.00 23.29
CA GLY A 154 10.88 -12.90 24.17
C GLY A 154 12.06 -13.18 25.11
N GLN A 155 12.60 -14.40 25.07
CA GLN A 155 13.72 -14.75 25.93
C GLN A 155 15.01 -14.04 25.51
N GLY A 156 15.13 -13.82 24.20
CA GLY A 156 16.32 -13.17 23.69
C GLY A 156 16.00 -11.89 22.96
N PHE A 157 17.04 -11.12 22.66
CA PHE A 157 16.92 -9.86 21.93
C PHE A 157 18.13 -9.77 21.03
N MET A 158 17.90 -9.78 19.71
CA MET A 158 19.00 -9.67 18.77
C MET A 158 19.06 -8.24 18.25
N THR A 159 20.23 -7.61 18.35
CA THR A 159 20.37 -6.22 17.92
C THR A 159 20.25 -5.97 16.42
N ARG A 160 19.82 -4.76 16.07
CA ARG A 160 19.67 -4.37 14.69
C ARG A 160 21.03 -4.32 13.99
N GLU A 161 22.03 -3.81 14.70
CA GLU A 161 23.38 -3.71 14.16
C GLU A 161 23.95 -5.09 13.83
N PHE A 162 23.76 -6.04 14.74
CA PHE A 162 24.28 -7.38 14.51
C PHE A 162 23.69 -7.97 13.23
N LEU A 163 22.37 -7.90 13.10
CA LEU A 163 21.67 -8.42 11.92
C LEU A 163 22.13 -7.72 10.64
N LYS A 164 22.49 -6.45 10.76
CA LYS A 164 22.90 -5.66 9.61
C LYS A 164 24.32 -5.98 9.14
N SER A 165 25.13 -6.54 10.03
CA SER A 165 26.51 -6.85 9.69
C SER A 165 26.71 -8.24 9.10
N LEU A 166 25.62 -8.94 8.81
CA LEU A 166 25.72 -10.30 8.27
C LEU A 166 26.11 -10.35 6.79
N ARG A 167 26.61 -11.51 6.37
CA ARG A 167 27.06 -11.72 5.00
C ARG A 167 26.15 -11.09 3.94
N LYS A 168 26.81 -10.45 2.97
CA LYS A 168 26.19 -9.74 1.86
C LYS A 168 24.67 -9.81 1.72
N PRO A 169 24.12 -11.00 1.41
CA PRO A 169 22.66 -11.10 1.26
C PRO A 169 21.88 -10.98 2.58
N PHE A 170 22.22 -11.85 3.53
CA PHE A 170 21.54 -11.88 4.80
C PHE A 170 21.51 -10.58 5.60
N GLY A 171 22.57 -9.79 5.50
CA GLY A 171 22.61 -8.54 6.25
C GLY A 171 21.66 -7.46 5.76
N ASP A 172 20.94 -7.74 4.69
CA ASP A 172 20.01 -6.77 4.13
C ASP A 172 18.55 -7.12 4.33
N PHE A 173 18.28 -8.28 4.92
CA PHE A 173 16.90 -8.70 5.11
C PHE A 173 16.09 -7.97 6.17
N MET A 174 16.65 -7.78 7.35
CA MET A 174 15.93 -7.15 8.45
C MET A 174 15.74 -5.64 8.46
N GLU A 175 16.70 -4.88 7.95
CA GLU A 175 16.58 -3.42 7.97
C GLU A 175 15.25 -2.84 7.53
N PRO A 176 14.74 -3.26 6.36
CA PRO A 176 13.46 -2.75 5.87
C PRO A 176 12.32 -2.92 6.88
N LYS A 177 12.35 -4.03 7.61
CA LYS A 177 11.33 -4.30 8.62
C LYS A 177 11.47 -3.34 9.80
N PHE A 178 12.71 -3.15 10.26
CA PHE A 178 12.97 -2.23 11.36
C PHE A 178 12.50 -0.83 10.98
N GLU A 179 12.76 -0.43 9.74
CA GLU A 179 12.36 0.91 9.29
C GLU A 179 10.84 1.03 9.33
N PHE A 180 10.15 -0.04 8.95
CA PHE A 180 8.70 -0.03 8.99
C PHE A 180 8.23 -0.03 10.44
N ALA A 181 8.86 -0.87 11.26
CA ALA A 181 8.49 -0.98 12.66
C ALA A 181 8.57 0.32 13.47
N VAL A 182 9.70 1.01 13.36
CA VAL A 182 9.87 2.25 14.11
C VAL A 182 8.78 3.26 13.74
N LYS A 183 8.39 3.24 12.47
CA LYS A 183 7.35 4.13 11.96
C LYS A 183 5.96 3.67 12.39
N PHE A 184 5.69 2.37 12.22
CA PHE A 184 4.39 1.84 12.60
C PHE A 184 4.18 1.97 14.11
N ASN A 185 5.24 1.74 14.89
CA ASN A 185 5.15 1.84 16.34
C ASN A 185 4.79 3.24 16.83
N ALA A 186 5.07 4.25 16.01
CA ALA A 186 4.75 5.63 16.35
C ALA A 186 3.23 5.86 16.42
N LEU A 187 2.44 4.92 15.89
CA LEU A 187 0.98 5.04 15.95
C LEU A 187 0.47 4.62 17.34
N GLU A 188 1.34 3.95 18.09
CA GLU A 188 1.05 3.47 19.44
C GLU A 188 -0.23 2.66 19.55
N LEU A 189 -0.36 1.66 18.69
CA LEU A 189 -1.54 0.82 18.72
C LEU A 189 -1.31 -0.26 19.78
N ASP A 190 -2.40 -0.75 20.37
CA ASP A 190 -2.26 -1.82 21.35
C ASP A 190 -2.87 -3.07 20.73
N ASP A 191 -2.78 -4.19 21.44
CA ASP A 191 -3.33 -5.45 20.94
C ASP A 191 -4.80 -5.38 20.55
N SER A 192 -5.62 -4.65 21.30
CA SER A 192 -7.04 -4.59 20.95
C SER A 192 -7.23 -3.91 19.59
N ASP A 193 -6.36 -2.95 19.27
CA ASP A 193 -6.46 -2.26 17.97
C ASP A 193 -5.98 -3.21 16.88
N LEU A 194 -4.81 -3.81 17.10
CA LEU A 194 -4.20 -4.72 16.15
C LEU A 194 -5.06 -5.91 15.78
N ALA A 195 -5.83 -6.44 16.75
CA ALA A 195 -6.67 -7.59 16.45
C ALA A 195 -7.63 -7.28 15.30
N ILE A 196 -8.22 -6.09 15.32
CA ILE A 196 -9.16 -5.73 14.27
C ILE A 196 -8.43 -5.41 12.97
N PHE A 197 -7.30 -4.72 13.07
CA PHE A 197 -6.53 -4.34 11.89
C PHE A 197 -6.08 -5.59 11.12
N ILE A 198 -5.54 -6.59 11.82
CA ILE A 198 -5.09 -7.77 11.09
C ILE A 198 -6.27 -8.49 10.46
N ALA A 199 -7.44 -8.40 11.07
CA ALA A 199 -8.64 -9.02 10.51
C ALA A 199 -8.97 -8.32 9.18
N VAL A 200 -8.84 -6.99 9.19
CA VAL A 200 -9.11 -6.19 8.00
C VAL A 200 -8.18 -6.62 6.87
N ILE A 201 -6.91 -6.79 7.20
CA ILE A 201 -5.90 -7.20 6.23
C ILE A 201 -6.29 -8.52 5.55
N ILE A 202 -6.69 -9.49 6.36
CA ILE A 202 -7.06 -10.79 5.84
C ILE A 202 -8.23 -10.77 4.87
N LEU A 203 -9.30 -10.07 5.23
CA LEU A 203 -10.48 -10.01 4.40
C LEU A 203 -10.35 -8.96 3.29
N SER A 204 -9.30 -9.07 2.50
CA SER A 204 -9.07 -8.12 1.39
C SER A 204 -9.68 -8.64 0.08
N GLY A 205 -10.74 -7.98 -0.37
CA GLY A 205 -11.38 -8.43 -1.59
C GLY A 205 -10.57 -8.19 -2.85
N ASP A 206 -9.43 -7.53 -2.73
CA ASP A 206 -8.63 -7.26 -3.93
C ASP A 206 -7.44 -8.20 -4.12
N ARG A 207 -7.45 -9.35 -3.43
CA ARG A 207 -6.38 -10.31 -3.59
C ARG A 207 -6.51 -11.00 -4.95
N PRO A 208 -5.39 -11.28 -5.61
CA PRO A 208 -5.42 -11.93 -6.93
C PRO A 208 -6.09 -13.32 -6.89
N GLY A 209 -6.91 -13.61 -7.89
CA GLY A 209 -7.56 -14.91 -7.99
C GLY A 209 -8.80 -15.22 -7.16
N LEU A 210 -9.34 -14.25 -6.45
CA LEU A 210 -10.53 -14.50 -5.64
C LEU A 210 -11.77 -14.82 -6.47
N LEU A 211 -12.50 -15.84 -6.06
CA LEU A 211 -13.70 -16.25 -6.77
C LEU A 211 -14.92 -15.39 -6.47
N ASN A 212 -15.22 -15.17 -5.19
CA ASN A 212 -16.39 -14.38 -4.82
C ASN A 212 -16.00 -13.21 -3.96
N VAL A 213 -15.68 -12.09 -4.62
CA VAL A 213 -15.24 -10.89 -3.93
C VAL A 213 -16.30 -10.22 -3.05
N LYS A 214 -17.56 -10.30 -3.46
CA LYS A 214 -18.66 -9.67 -2.73
C LYS A 214 -18.76 -10.05 -1.24
N PRO A 215 -18.96 -11.33 -0.93
CA PRO A 215 -19.06 -11.71 0.49
C PRO A 215 -17.84 -11.28 1.32
N ILE A 216 -16.67 -11.25 0.69
CA ILE A 216 -15.46 -10.83 1.38
C ILE A 216 -15.49 -9.33 1.69
N GLU A 217 -15.89 -8.53 0.69
CA GLU A 217 -15.97 -7.08 0.88
C GLU A 217 -17.01 -6.75 1.95
N ASP A 218 -18.08 -7.55 2.03
CA ASP A 218 -19.11 -7.30 3.03
C ASP A 218 -18.54 -7.53 4.43
N ILE A 219 -17.73 -8.56 4.58
CA ILE A 219 -17.13 -8.84 5.87
C ILE A 219 -16.12 -7.73 6.20
N GLN A 220 -15.31 -7.34 5.24
CA GLN A 220 -14.32 -6.31 5.50
C GLN A 220 -14.96 -4.96 5.85
N ASP A 221 -16.09 -4.66 5.23
CA ASP A 221 -16.78 -3.40 5.50
C ASP A 221 -17.16 -3.33 6.97
N ASN A 222 -17.63 -4.44 7.50
CA ASN A 222 -18.05 -4.51 8.89
C ASN A 222 -16.83 -4.44 9.82
N LEU A 223 -15.71 -5.02 9.39
CA LEU A 223 -14.49 -4.98 10.17
C LEU A 223 -13.96 -3.54 10.19
N LEU A 224 -13.96 -2.90 9.03
CA LEU A 224 -13.49 -1.53 8.94
C LEU A 224 -14.33 -0.68 9.87
N GLN A 225 -15.64 -0.89 9.83
CA GLN A 225 -16.54 -0.15 10.70
C GLN A 225 -16.12 -0.37 12.16
N ALA A 226 -15.86 -1.63 12.51
CA ALA A 226 -15.45 -1.96 13.89
C ALA A 226 -14.12 -1.29 14.23
N LEU A 227 -13.17 -1.34 13.31
CA LEU A 227 -11.86 -0.74 13.52
C LEU A 227 -11.98 0.77 13.70
N GLU A 228 -12.81 1.40 12.89
CA GLU A 228 -13.00 2.84 12.96
C GLU A 228 -13.45 3.25 14.36
N LEU A 229 -14.49 2.58 14.85
CA LEU A 229 -15.01 2.87 16.18
C LEU A 229 -13.96 2.61 17.26
N GLN A 230 -13.31 1.45 17.17
CA GLN A 230 -12.28 1.07 18.14
C GLN A 230 -11.21 2.14 18.27
N LEU A 231 -10.72 2.64 17.14
CA LEU A 231 -9.68 3.67 17.17
C LEU A 231 -10.16 5.00 17.73
N LYS A 232 -11.43 5.34 17.50
CA LYS A 232 -11.95 6.59 18.02
C LYS A 232 -12.20 6.52 19.52
N LEU A 233 -12.62 5.36 20.00
CA LEU A 233 -12.87 5.19 21.43
C LEU A 233 -11.55 5.03 22.19
N ASN A 234 -10.67 4.17 21.65
CA ASN A 234 -9.38 3.89 22.30
C ASN A 234 -8.34 5.00 22.16
N HIS A 235 -8.39 5.76 21.06
CA HIS A 235 -7.45 6.87 20.86
C HIS A 235 -8.18 8.17 20.53
N PRO A 236 -8.98 8.69 21.47
CA PRO A 236 -9.75 9.92 21.32
C PRO A 236 -8.99 11.09 20.73
N GLU A 237 -7.81 11.36 21.27
CA GLU A 237 -6.98 12.46 20.82
C GLU A 237 -6.07 12.17 19.63
N SER A 238 -6.23 11.00 19.01
CA SER A 238 -5.37 10.67 17.88
C SER A 238 -6.12 10.94 16.58
N SER A 239 -6.01 12.17 16.10
CA SER A 239 -6.70 12.60 14.88
C SER A 239 -6.34 11.80 13.62
N GLN A 240 -7.39 11.32 12.94
CA GLN A 240 -7.26 10.53 11.72
C GLN A 240 -6.36 9.30 11.81
N LEU A 241 -6.32 8.67 12.98
CA LEU A 241 -5.51 7.48 13.18
C LEU A 241 -5.99 6.39 12.22
N PHE A 242 -7.30 6.28 12.05
CA PHE A 242 -7.90 5.30 11.17
C PHE A 242 -7.28 5.40 9.77
N ALA A 243 -7.30 6.61 9.20
CA ALA A 243 -6.73 6.82 7.88
C ALA A 243 -5.22 6.60 7.86
N LYS A 244 -4.53 7.03 8.92
CA LYS A 244 -3.07 6.86 8.95
C LYS A 244 -2.75 5.37 8.99
N LEU A 245 -3.54 4.62 9.76
CA LEU A 245 -3.34 3.17 9.85
C LEU A 245 -3.59 2.51 8.49
N LEU A 246 -4.68 2.88 7.82
CA LEU A 246 -4.97 2.28 6.52
C LEU A 246 -3.86 2.55 5.50
N GLN A 247 -3.26 3.73 5.55
CA GLN A 247 -2.19 4.09 4.62
C GLN A 247 -0.95 3.24 4.88
N LYS A 248 -0.81 2.72 6.10
CA LYS A 248 0.36 1.89 6.42
C LYS A 248 0.31 0.61 5.61
N MET A 249 -0.88 0.27 5.11
CA MET A 249 -1.04 -0.92 4.32
C MET A 249 -0.17 -0.92 3.06
N THR A 250 0.19 0.26 2.57
CA THR A 250 1.02 0.31 1.38
C THR A 250 2.47 -0.02 1.76
N ASP A 251 2.85 0.30 2.99
CA ASP A 251 4.21 -0.01 3.45
C ASP A 251 4.40 -1.52 3.55
N LEU A 252 3.38 -2.22 4.03
CA LEU A 252 3.47 -3.67 4.17
C LEU A 252 3.67 -4.32 2.80
N ARG A 253 2.89 -3.89 1.82
CA ARG A 253 3.00 -4.42 0.47
C ARG A 253 4.43 -4.33 -0.06
N GLN A 254 5.06 -3.17 0.15
CA GLN A 254 6.42 -2.96 -0.32
C GLN A 254 7.39 -3.89 0.37
N ILE A 255 7.21 -4.08 1.67
CA ILE A 255 8.08 -4.97 2.43
C ILE A 255 8.06 -6.34 1.79
N VAL A 256 6.87 -6.82 1.46
CA VAL A 256 6.71 -8.13 0.84
C VAL A 256 7.45 -8.20 -0.51
N THR A 257 7.16 -7.24 -1.39
CA THR A 257 7.79 -7.18 -2.71
C THR A 257 9.30 -7.31 -2.58
N GLU A 258 9.88 -6.36 -1.86
CA GLU A 258 11.30 -6.31 -1.62
C GLU A 258 11.80 -7.63 -1.01
N HIS A 259 11.05 -8.15 -0.06
CA HIS A 259 11.43 -9.40 0.60
C HIS A 259 11.55 -10.54 -0.41
N VAL A 260 10.58 -10.64 -1.30
CA VAL A 260 10.58 -11.69 -2.31
C VAL A 260 11.85 -11.63 -3.16
N GLN A 261 12.26 -10.43 -3.52
CA GLN A 261 13.47 -10.25 -4.33
C GLN A 261 14.71 -10.79 -3.59
N LEU A 262 14.82 -10.45 -2.31
CA LEU A 262 15.95 -10.91 -1.50
C LEU A 262 15.96 -12.43 -1.44
N LEU A 263 14.77 -13.02 -1.40
CA LEU A 263 14.62 -14.46 -1.34
C LEU A 263 15.15 -15.12 -2.62
N GLN A 264 14.88 -14.50 -3.76
CA GLN A 264 15.35 -15.03 -5.02
C GLN A 264 16.87 -15.04 -5.09
N VAL A 265 17.50 -14.07 -4.42
CA VAL A 265 18.96 -14.01 -4.41
C VAL A 265 19.49 -15.18 -3.59
N ILE A 266 18.92 -15.40 -2.42
CA ILE A 266 19.34 -16.50 -1.53
C ILE A 266 19.24 -17.85 -2.23
N LYS A 267 18.11 -18.07 -2.90
CA LYS A 267 17.86 -19.32 -3.61
C LYS A 267 18.96 -19.65 -4.62
N LYS A 268 19.49 -18.62 -5.27
CA LYS A 268 20.54 -18.80 -6.27
C LYS A 268 21.94 -18.83 -5.68
N THR A 269 22.16 -18.05 -4.63
CA THR A 269 23.48 -18.00 -4.01
C THR A 269 23.73 -19.17 -3.06
N GLU A 270 22.68 -19.64 -2.40
CA GLU A 270 22.84 -20.74 -1.45
C GLU A 270 22.14 -22.01 -1.93
N THR A 271 22.82 -22.79 -2.76
CA THR A 271 22.26 -24.03 -3.30
C THR A 271 21.93 -25.07 -2.23
N ASP A 272 22.58 -24.97 -1.07
CA ASP A 272 22.38 -25.91 0.02
C ASP A 272 21.25 -25.55 0.99
N MET A 273 20.53 -24.48 0.70
CA MET A 273 19.41 -24.07 1.56
C MET A 273 18.10 -24.08 0.78
N SER A 274 16.99 -24.11 1.52
CA SER A 274 15.69 -24.11 0.87
C SER A 274 14.56 -23.67 1.79
N LEU A 275 13.64 -22.90 1.23
CA LEU A 275 12.47 -22.42 1.96
C LEU A 275 11.67 -23.63 2.44
N HIS A 276 11.04 -23.50 3.60
CA HIS A 276 10.21 -24.55 4.17
C HIS A 276 9.03 -24.70 3.20
N PRO A 277 8.53 -25.93 3.00
CA PRO A 277 7.40 -26.20 2.10
C PRO A 277 6.24 -25.21 2.19
N LEU A 278 5.75 -24.99 3.40
CA LEU A 278 4.65 -24.07 3.63
C LEU A 278 4.97 -22.71 2.98
N LEU A 279 6.10 -22.12 3.37
CA LEU A 279 6.52 -20.83 2.84
C LEU A 279 6.66 -20.84 1.32
N GLN A 280 7.14 -21.95 0.77
CA GLN A 280 7.30 -22.08 -0.67
C GLN A 280 5.95 -21.95 -1.37
N GLU A 281 4.95 -22.66 -0.86
CA GLU A 281 3.63 -22.61 -1.48
C GLU A 281 3.05 -21.21 -1.39
N ILE A 282 3.27 -20.55 -0.27
CA ILE A 282 2.76 -19.20 -0.09
C ILE A 282 3.35 -18.24 -1.13
N TYR A 283 4.65 -18.34 -1.38
CA TYR A 283 5.32 -17.45 -2.34
C TYR A 283 5.18 -17.81 -3.81
N LYS A 284 4.70 -19.03 -4.07
CA LYS A 284 4.53 -19.49 -5.44
C LYS A 284 3.47 -18.69 -6.18
N ASP A 285 3.86 -18.13 -7.33
CA ASP A 285 2.95 -17.35 -8.17
C ASP A 285 2.26 -16.23 -7.38
N LEU A 286 3.00 -15.61 -6.47
CA LEU A 286 2.47 -14.54 -5.63
C LEU A 286 2.29 -13.22 -6.40
N GLU B 17 -16.91 23.60 13.53
CA GLU B 17 -15.76 22.94 12.83
C GLU B 17 -16.17 22.41 11.46
N SER B 18 -17.24 21.63 11.43
CA SER B 18 -17.73 21.04 10.18
C SER B 18 -17.96 22.11 9.11
N ALA B 19 -17.96 23.37 9.55
CA ALA B 19 -18.16 24.49 8.64
C ALA B 19 -16.94 24.61 7.74
N ASP B 20 -15.77 24.72 8.36
CA ASP B 20 -14.51 24.85 7.64
C ASP B 20 -14.29 23.68 6.69
N LEU B 21 -14.79 22.50 7.06
CA LEU B 21 -14.64 21.31 6.25
C LEU B 21 -15.32 21.43 4.88
N ARG B 22 -16.60 21.80 4.88
CA ARG B 22 -17.30 21.94 3.61
C ARG B 22 -16.79 23.15 2.85
N ALA B 23 -16.30 24.16 3.57
CA ALA B 23 -15.75 25.34 2.91
C ALA B 23 -14.49 24.90 2.17
N LEU B 24 -13.67 24.10 2.85
CA LEU B 24 -12.43 23.59 2.26
C LEU B 24 -12.75 22.76 1.03
N ALA B 25 -13.78 21.92 1.15
CA ALA B 25 -14.20 21.05 0.06
C ALA B 25 -14.62 21.85 -1.16
N LYS B 26 -15.44 22.88 -0.96
CA LYS B 26 -15.91 23.72 -2.04
C LYS B 26 -14.75 24.43 -2.74
N HIS B 27 -13.83 24.95 -1.93
CA HIS B 27 -12.66 25.66 -2.44
C HIS B 27 -11.81 24.76 -3.33
N LEU B 28 -11.55 23.53 -2.86
CA LEU B 28 -10.76 22.59 -3.62
C LEU B 28 -11.45 22.25 -4.94
N TYR B 29 -12.76 22.04 -4.88
CA TYR B 29 -13.52 21.73 -6.08
C TYR B 29 -13.41 22.86 -7.10
N ASP B 30 -13.68 24.08 -6.66
CA ASP B 30 -13.61 25.23 -7.54
C ASP B 30 -12.24 25.31 -8.20
N SER B 31 -11.19 25.16 -7.39
CA SER B 31 -9.82 25.20 -7.89
C SER B 31 -9.54 24.06 -8.88
N TYR B 32 -10.01 22.87 -8.56
CA TYR B 32 -9.83 21.70 -9.41
C TYR B 32 -10.46 21.94 -10.79
N ILE B 33 -11.64 22.55 -10.82
CA ILE B 33 -12.31 22.85 -12.08
C ILE B 33 -11.50 23.85 -12.91
N LYS B 34 -10.90 24.81 -12.22
CA LYS B 34 -10.11 25.84 -12.88
C LYS B 34 -8.81 25.28 -13.46
N SER B 35 -8.18 24.37 -12.73
CA SER B 35 -6.92 23.77 -13.14
C SER B 35 -6.97 22.63 -14.13
N PHE B 36 -8.02 21.82 -14.06
CA PHE B 36 -8.15 20.66 -14.93
C PHE B 36 -9.22 20.83 -15.99
N PRO B 37 -8.80 21.10 -17.24
CA PRO B 37 -9.72 21.29 -18.36
C PRO B 37 -10.77 20.19 -18.48
N LEU B 38 -10.31 18.97 -18.73
CA LEU B 38 -11.21 17.83 -18.91
C LEU B 38 -11.57 17.14 -17.60
N THR B 39 -12.75 17.45 -17.08
CA THR B 39 -13.23 16.89 -15.81
C THR B 39 -13.81 15.49 -16.00
N LYS B 40 -14.00 14.77 -14.90
CA LYS B 40 -14.56 13.43 -14.99
C LYS B 40 -15.99 13.52 -15.54
N ALA B 41 -16.75 14.50 -15.04
CA ALA B 41 -18.14 14.69 -15.51
C ALA B 41 -18.14 14.83 -17.02
N LYS B 42 -17.25 15.69 -17.52
CA LYS B 42 -17.12 15.91 -18.96
C LYS B 42 -16.82 14.59 -19.65
N ALA B 43 -15.72 13.97 -19.23
CA ALA B 43 -15.28 12.71 -19.81
C ALA B 43 -16.36 11.64 -19.84
N ARG B 44 -17.09 11.49 -18.75
CA ARG B 44 -18.15 10.47 -18.67
C ARG B 44 -19.22 10.70 -19.74
N ALA B 45 -19.63 11.94 -19.91
CA ALA B 45 -20.64 12.28 -20.90
C ALA B 45 -20.17 11.79 -22.26
N ILE B 46 -18.91 12.08 -22.57
CA ILE B 46 -18.29 11.66 -23.83
C ILE B 46 -18.14 10.15 -23.94
N LEU B 47 -17.78 9.48 -22.84
CA LEU B 47 -17.58 8.04 -22.86
C LEU B 47 -18.86 7.20 -22.99
N THR B 48 -19.89 7.54 -22.23
CA THR B 48 -21.14 6.79 -22.29
C THR B 48 -21.93 7.20 -23.51
N GLY B 49 -21.51 8.30 -24.12
CA GLY B 49 -22.19 8.79 -25.30
C GLY B 49 -23.51 9.43 -24.92
N LYS B 50 -23.43 10.59 -24.25
CA LYS B 50 -24.63 11.30 -23.82
C LYS B 50 -24.47 12.81 -24.00
N LYS B 54 -21.07 15.10 -30.78
CA LYS B 54 -19.74 15.46 -31.26
C LYS B 54 -18.75 14.31 -31.08
N SER B 55 -19.25 13.08 -31.19
CA SER B 55 -18.43 11.87 -31.03
C SER B 55 -16.94 12.06 -31.31
N PRO B 56 -16.08 11.61 -30.38
CA PRO B 56 -14.63 11.71 -30.51
C PRO B 56 -14.11 10.80 -31.62
N PHE B 57 -12.99 11.17 -32.22
CA PHE B 57 -12.43 10.36 -33.28
C PHE B 57 -11.88 9.09 -32.62
N VAL B 58 -12.20 7.93 -33.18
CA VAL B 58 -11.76 6.67 -32.61
C VAL B 58 -10.54 6.05 -33.29
N ILE B 59 -9.54 5.72 -32.49
CA ILE B 59 -8.33 5.09 -32.99
C ILE B 59 -8.35 3.66 -32.47
N TYR B 60 -8.65 2.71 -33.36
CA TYR B 60 -8.74 1.30 -33.00
C TYR B 60 -7.71 0.46 -33.74
N ASP B 61 -6.97 1.10 -34.66
CA ASP B 61 -5.94 0.41 -35.43
C ASP B 61 -4.97 1.39 -36.11
N MET B 62 -3.96 0.86 -36.79
CA MET B 62 -2.96 1.68 -37.48
C MET B 62 -3.50 2.79 -38.37
N ASN B 63 -4.31 2.43 -39.37
CA ASN B 63 -4.84 3.43 -40.29
C ASN B 63 -5.69 4.50 -39.60
N SER B 64 -6.44 4.11 -38.57
CA SER B 64 -7.26 5.08 -37.87
C SER B 64 -6.34 6.05 -37.12
N LEU B 65 -5.26 5.51 -36.55
CA LEU B 65 -4.30 6.36 -35.85
C LEU B 65 -3.72 7.37 -36.84
N MET B 66 -3.20 6.84 -37.94
CA MET B 66 -2.61 7.66 -38.99
C MET B 66 -3.61 8.70 -39.48
N MET B 67 -4.89 8.33 -39.55
CA MET B 67 -5.89 9.27 -40.00
C MET B 67 -6.15 10.30 -38.90
N GLY B 68 -6.28 9.81 -37.67
CA GLY B 68 -6.52 10.68 -36.53
C GLY B 68 -5.46 11.76 -36.37
N GLU B 69 -4.25 11.46 -36.83
CA GLU B 69 -3.15 12.41 -36.73
C GLU B 69 -3.36 13.64 -37.62
N ASP B 70 -3.68 13.44 -38.90
CA ASP B 70 -3.90 14.58 -39.78
C ASP B 70 -5.24 15.26 -39.55
N LYS B 71 -6.08 14.64 -38.71
CA LYS B 71 -7.39 15.19 -38.37
C LYS B 71 -7.29 16.00 -37.08
N ILE B 72 -6.93 15.32 -35.99
CA ILE B 72 -6.80 15.97 -34.68
C ILE B 72 -5.56 16.86 -34.55
N LYS B 73 -4.43 16.45 -35.14
CA LYS B 73 -3.19 17.22 -35.05
C LYS B 73 -2.75 17.28 -33.59
N PHE B 74 -2.46 16.09 -33.05
CA PHE B 74 -2.05 15.91 -31.66
C PHE B 74 -1.30 17.04 -30.97
N LYS B 75 -0.19 17.47 -31.55
CA LYS B 75 0.66 18.56 -31.03
C LYS B 75 2.02 18.03 -30.58
N LYS B 85 7.35 7.04 -38.10
CA LYS B 85 7.97 5.72 -38.05
C LYS B 85 7.80 5.12 -36.67
N GLU B 86 7.71 3.79 -36.60
CA GLU B 86 7.54 3.08 -35.34
C GLU B 86 6.39 3.68 -34.52
N VAL B 87 5.20 3.15 -34.75
CA VAL B 87 4.01 3.62 -34.05
C VAL B 87 4.08 3.40 -32.55
N ALA B 88 4.48 2.20 -32.13
CA ALA B 88 4.57 1.88 -30.71
C ALA B 88 5.37 2.94 -29.96
N ILE B 89 6.43 3.43 -30.60
CA ILE B 89 7.28 4.45 -30.00
C ILE B 89 6.64 5.82 -30.01
N ARG B 90 6.07 6.22 -31.15
CA ARG B 90 5.42 7.52 -31.25
C ARG B 90 4.28 7.64 -30.24
N ILE B 91 3.59 6.52 -29.98
CA ILE B 91 2.50 6.53 -29.02
C ILE B 91 3.04 6.73 -27.61
N PHE B 92 3.96 5.87 -27.20
CA PHE B 92 4.55 6.01 -25.87
C PHE B 92 5.05 7.44 -25.70
N GLN B 93 5.62 7.98 -26.76
CA GLN B 93 6.13 9.34 -26.77
C GLN B 93 4.99 10.31 -26.46
N GLY B 94 3.87 10.17 -27.16
CA GLY B 94 2.74 11.04 -26.94
C GLY B 94 2.28 11.06 -25.50
N CYS B 95 2.42 9.91 -24.83
CA CYS B 95 2.06 9.78 -23.43
C CYS B 95 2.88 10.75 -22.61
N GLN B 96 4.17 10.84 -22.94
CA GLN B 96 5.10 11.72 -22.25
C GLN B 96 4.73 13.19 -22.38
N PHE B 97 4.43 13.62 -23.59
CA PHE B 97 4.05 15.00 -23.84
C PHE B 97 2.87 15.39 -22.97
N ARG B 98 1.86 14.53 -22.94
CA ARG B 98 0.68 14.80 -22.14
C ARG B 98 1.00 14.75 -20.64
N SER B 99 1.89 13.85 -20.24
CA SER B 99 2.26 13.73 -18.83
C SER B 99 2.88 15.04 -18.37
N VAL B 100 3.77 15.58 -19.19
CA VAL B 100 4.43 16.84 -18.87
C VAL B 100 3.40 17.97 -18.72
N GLU B 101 2.38 17.97 -19.57
CA GLU B 101 1.34 19.00 -19.46
C GLU B 101 0.61 18.83 -18.15
N ALA B 102 0.24 17.58 -17.87
CA ALA B 102 -0.49 17.24 -16.65
C ALA B 102 0.24 17.71 -15.39
N VAL B 103 1.55 17.55 -15.36
CA VAL B 103 2.32 17.99 -14.20
C VAL B 103 2.11 19.48 -13.93
N GLN B 104 2.03 20.28 -14.98
CA GLN B 104 1.84 21.72 -14.82
C GLN B 104 0.45 22.00 -14.25
N GLU B 105 -0.56 21.29 -14.73
CA GLU B 105 -1.92 21.46 -14.23
C GLU B 105 -1.95 21.09 -12.74
N ILE B 106 -1.31 19.98 -12.41
CA ILE B 106 -1.26 19.50 -11.01
C ILE B 106 -0.54 20.50 -10.12
N THR B 107 0.60 21.01 -10.61
CA THR B 107 1.38 21.97 -9.86
C THR B 107 0.53 23.20 -9.53
N GLU B 108 -0.26 23.67 -10.50
CA GLU B 108 -1.10 24.84 -10.28
C GLU B 108 -2.16 24.52 -9.23
N TYR B 109 -2.77 23.35 -9.34
CA TYR B 109 -3.77 22.93 -8.37
C TYR B 109 -3.16 22.88 -6.98
N ALA B 110 -1.94 22.35 -6.87
CA ALA B 110 -1.27 22.22 -5.59
C ALA B 110 -1.19 23.55 -4.83
N LYS B 111 -0.88 24.62 -5.56
CA LYS B 111 -0.76 25.95 -4.95
C LYS B 111 -2.06 26.48 -4.38
N SER B 112 -3.19 25.92 -4.82
CA SER B 112 -4.47 26.38 -4.29
C SER B 112 -4.81 25.69 -2.97
N ILE B 113 -4.07 24.64 -2.62
CA ILE B 113 -4.32 23.92 -1.38
C ILE B 113 -3.87 24.73 -0.16
N PRO B 114 -4.79 25.07 0.76
CA PRO B 114 -4.39 25.86 1.93
C PRO B 114 -3.19 25.28 2.66
N GLY B 115 -2.18 26.13 2.84
CA GLY B 115 -0.95 25.78 3.52
C GLY B 115 0.21 25.36 2.64
N PHE B 116 -0.10 24.86 1.45
CA PHE B 116 0.93 24.38 0.53
C PHE B 116 2.04 25.37 0.21
N VAL B 117 1.67 26.56 -0.25
CA VAL B 117 2.69 27.54 -0.61
C VAL B 117 3.51 28.03 0.59
N ASN B 118 2.97 27.85 1.79
CA ASN B 118 3.68 28.28 2.99
C ASN B 118 4.71 27.26 3.46
N LEU B 119 4.73 26.10 2.82
CA LEU B 119 5.67 25.04 3.18
C LEU B 119 7.07 25.36 2.66
N ASP B 120 8.07 24.73 3.25
CA ASP B 120 9.46 24.90 2.83
C ASP B 120 9.46 24.72 1.30
N LEU B 121 10.14 25.59 0.58
CA LEU B 121 10.16 25.48 -0.88
C LEU B 121 10.65 24.13 -1.37
N ASN B 122 11.73 23.62 -0.78
CA ASN B 122 12.25 22.33 -1.20
C ASN B 122 11.22 21.23 -0.95
N ASP B 123 10.47 21.36 0.14
CA ASP B 123 9.44 20.36 0.46
C ASP B 123 8.34 20.41 -0.59
N GLN B 124 7.97 21.61 -1.00
CA GLN B 124 6.96 21.74 -2.04
C GLN B 124 7.40 20.97 -3.28
N VAL B 125 8.66 21.12 -3.65
CA VAL B 125 9.17 20.44 -4.83
C VAL B 125 9.16 18.93 -4.63
N THR B 126 9.57 18.48 -3.45
CA THR B 126 9.59 17.06 -3.14
C THR B 126 8.19 16.44 -3.23
N LEU B 127 7.22 17.10 -2.62
CA LEU B 127 5.86 16.60 -2.65
C LEU B 127 5.34 16.47 -4.07
N LEU B 128 5.64 17.45 -4.92
CA LEU B 128 5.18 17.41 -6.29
C LEU B 128 5.91 16.33 -7.07
N LYS B 129 7.23 16.28 -6.91
CA LYS B 129 8.04 15.29 -7.61
C LYS B 129 7.54 13.87 -7.38
N TYR B 130 7.27 13.52 -6.13
CA TYR B 130 6.81 12.17 -5.84
C TYR B 130 5.32 11.96 -5.94
N GLY B 131 4.54 13.03 -6.06
CA GLY B 131 3.10 12.88 -6.13
C GLY B 131 2.44 12.94 -7.50
N VAL B 132 3.09 13.53 -8.49
CA VAL B 132 2.46 13.65 -9.79
C VAL B 132 2.13 12.32 -10.47
N HIS B 133 2.96 11.30 -10.29
CA HIS B 133 2.65 10.02 -10.92
C HIS B 133 1.37 9.42 -10.37
N GLU B 134 1.23 9.43 -9.05
CA GLU B 134 0.04 8.90 -8.41
C GLU B 134 -1.19 9.65 -8.89
N ILE B 135 -1.10 10.98 -8.92
CA ILE B 135 -2.22 11.81 -9.36
C ILE B 135 -2.51 11.59 -10.84
N ILE B 136 -1.46 11.46 -11.64
CA ILE B 136 -1.66 11.22 -13.06
C ILE B 136 -2.50 9.97 -13.29
N TYR B 137 -2.19 8.87 -12.62
CA TYR B 137 -2.99 7.66 -12.84
C TYR B 137 -4.38 7.79 -12.27
N THR B 138 -4.50 8.48 -11.15
CA THR B 138 -5.80 8.69 -10.55
C THR B 138 -6.72 9.44 -11.51
N MET B 139 -6.21 10.50 -12.13
CA MET B 139 -7.04 11.28 -13.04
C MET B 139 -7.22 10.58 -14.38
N LEU B 140 -6.24 9.75 -14.75
CA LEU B 140 -6.30 9.02 -15.99
C LEU B 140 -7.53 8.10 -15.95
N ALA B 141 -7.87 7.62 -14.76
CA ALA B 141 -9.03 6.74 -14.59
C ALA B 141 -10.32 7.46 -14.98
N SER B 142 -10.40 8.76 -14.70
CA SER B 142 -11.60 9.53 -15.03
C SER B 142 -11.84 9.54 -16.54
N LEU B 143 -10.77 9.38 -17.32
CA LEU B 143 -10.91 9.39 -18.77
C LEU B 143 -10.86 8.00 -19.41
N MET B 144 -10.95 6.96 -18.58
CA MET B 144 -10.91 5.59 -19.09
C MET B 144 -12.16 4.79 -18.74
N ASN B 145 -12.39 3.75 -19.52
CA ASN B 145 -13.45 2.79 -19.28
C ASN B 145 -12.74 1.50 -19.65
N LYS B 146 -13.38 0.36 -19.41
CA LYS B 146 -12.74 -0.92 -19.72
C LYS B 146 -12.40 -1.13 -21.19
N ASP B 147 -12.87 -0.25 -22.07
CA ASP B 147 -12.60 -0.42 -23.51
C ASP B 147 -11.60 0.55 -24.11
N GLY B 148 -11.30 1.65 -23.43
CA GLY B 148 -10.35 2.59 -23.98
C GLY B 148 -10.15 3.86 -23.16
N VAL B 149 -9.41 4.82 -23.72
CA VAL B 149 -9.13 6.07 -23.03
C VAL B 149 -9.27 7.30 -23.94
N LEU B 150 -9.83 8.37 -23.38
CA LEU B 150 -10.00 9.62 -24.13
C LEU B 150 -8.64 10.30 -24.25
N ILE B 151 -8.36 10.86 -25.42
CA ILE B 151 -7.09 11.56 -25.64
C ILE B 151 -7.32 12.98 -26.20
N SER B 152 -6.29 13.82 -26.08
CA SER B 152 -6.34 15.21 -26.55
C SER B 152 -7.66 15.92 -26.28
N GLU B 153 -7.86 16.30 -25.02
CA GLU B 153 -9.07 17.02 -24.62
C GLU B 153 -10.34 16.25 -24.93
N GLY B 154 -10.22 14.96 -25.16
CA GLY B 154 -11.40 14.15 -25.45
C GLY B 154 -11.75 14.11 -26.93
N GLN B 155 -10.98 14.80 -27.75
CA GLN B 155 -11.24 14.81 -29.18
C GLN B 155 -11.15 13.40 -29.74
N GLY B 156 -10.28 12.58 -29.17
CA GLY B 156 -10.13 11.23 -29.64
C GLY B 156 -10.37 10.17 -28.58
N PHE B 157 -10.37 8.92 -29.00
CA PHE B 157 -10.56 7.78 -28.12
C PHE B 157 -9.66 6.66 -28.62
N MET B 158 -8.63 6.33 -27.84
CA MET B 158 -7.74 5.26 -28.26
C MET B 158 -8.17 3.97 -27.59
N THR B 159 -8.33 2.94 -28.41
CA THR B 159 -8.77 1.63 -27.95
C THR B 159 -7.81 0.90 -27.04
N ARG B 160 -8.38 0.19 -26.07
CA ARG B 160 -7.56 -0.56 -25.13
C ARG B 160 -6.84 -1.68 -25.88
N GLU B 161 -7.57 -2.33 -26.79
CA GLU B 161 -7.00 -3.43 -27.57
C GLU B 161 -5.93 -2.97 -28.53
N PHE B 162 -6.10 -1.77 -29.08
CA PHE B 162 -5.09 -1.24 -29.99
C PHE B 162 -3.80 -1.03 -29.20
N LEU B 163 -3.92 -0.39 -28.03
CA LEU B 163 -2.76 -0.15 -27.17
C LEU B 163 -2.15 -1.48 -26.78
N LYS B 164 -3.02 -2.41 -26.38
CA LYS B 164 -2.60 -3.74 -25.95
C LYS B 164 -1.98 -4.55 -27.09
N SER B 165 -2.07 -4.04 -28.32
CA SER B 165 -1.51 -4.77 -29.47
C SER B 165 -0.16 -4.24 -29.94
N LEU B 166 0.41 -3.29 -29.20
CA LEU B 166 1.70 -2.73 -29.58
C LEU B 166 2.82 -3.74 -29.39
N ARG B 167 3.87 -3.62 -30.21
CA ARG B 167 5.02 -4.52 -30.15
C ARG B 167 5.86 -4.23 -28.90
N LYS B 168 6.93 -5.00 -28.70
CA LYS B 168 7.79 -4.81 -27.54
C LYS B 168 6.95 -4.82 -26.27
N PRO B 169 7.50 -4.34 -25.15
CA PRO B 169 6.72 -4.33 -23.91
C PRO B 169 5.75 -3.13 -23.90
N PHE B 170 5.62 -2.48 -25.05
CA PHE B 170 4.72 -1.33 -25.19
C PHE B 170 3.28 -1.81 -25.21
N GLY B 171 3.08 -3.05 -25.65
CA GLY B 171 1.76 -3.61 -25.72
C GLY B 171 1.16 -3.85 -24.35
N ASP B 172 1.75 -3.25 -23.32
CA ASP B 172 1.25 -3.43 -21.96
C ASP B 172 1.76 -2.37 -20.98
N PHE B 173 2.07 -1.17 -21.46
CA PHE B 173 2.54 -0.12 -20.56
C PHE B 173 1.34 0.70 -20.12
N MET B 174 0.18 0.41 -20.72
CA MET B 174 -1.05 1.10 -20.39
C MET B 174 -2.03 0.15 -19.72
N GLU B 175 -1.93 -1.14 -20.06
CA GLU B 175 -2.83 -2.14 -19.50
C GLU B 175 -2.95 -2.03 -17.98
N PRO B 176 -1.82 -1.94 -17.25
CA PRO B 176 -1.90 -1.83 -15.80
C PRO B 176 -2.73 -0.64 -15.32
N LYS B 177 -2.75 0.43 -16.11
CA LYS B 177 -3.54 1.62 -15.79
C LYS B 177 -5.02 1.32 -15.98
N PHE B 178 -5.34 0.61 -17.06
CA PHE B 178 -6.72 0.23 -17.36
C PHE B 178 -7.24 -0.65 -16.24
N GLU B 179 -6.38 -1.57 -15.79
CA GLU B 179 -6.78 -2.49 -14.72
C GLU B 179 -7.06 -1.70 -13.45
N PHE B 180 -6.18 -0.75 -13.14
CA PHE B 180 -6.37 0.08 -11.97
C PHE B 180 -7.66 0.88 -12.15
N ALA B 181 -7.78 1.54 -13.29
CA ALA B 181 -8.95 2.37 -13.58
C ALA B 181 -10.27 1.63 -13.40
N VAL B 182 -10.38 0.45 -14.01
CA VAL B 182 -11.61 -0.32 -13.89
C VAL B 182 -11.93 -0.52 -12.43
N LYS B 183 -10.92 -0.87 -11.64
CA LYS B 183 -11.13 -1.07 -10.21
C LYS B 183 -11.43 0.25 -9.50
N PHE B 184 -10.67 1.29 -9.83
CA PHE B 184 -10.87 2.61 -9.20
C PHE B 184 -12.24 3.20 -9.53
N ASN B 185 -12.65 3.08 -10.78
CA ASN B 185 -13.93 3.64 -11.20
C ASN B 185 -15.15 2.99 -10.56
N ALA B 186 -14.98 1.78 -10.04
CA ALA B 186 -16.09 1.08 -9.39
C ALA B 186 -16.56 1.87 -8.17
N LEU B 187 -15.70 2.75 -7.66
CA LEU B 187 -16.06 3.55 -6.50
C LEU B 187 -17.02 4.68 -6.86
N GLU B 188 -17.19 4.92 -8.15
CA GLU B 188 -18.10 5.97 -8.61
C GLU B 188 -17.89 7.35 -7.96
N LEU B 189 -16.63 7.76 -7.85
CA LEU B 189 -16.35 9.07 -7.27
C LEU B 189 -16.64 10.13 -8.31
N ASP B 190 -16.91 11.36 -7.86
CA ASP B 190 -17.14 12.43 -8.81
C ASP B 190 -16.05 13.48 -8.59
N ASP B 191 -16.03 14.51 -9.44
CA ASP B 191 -15.03 15.56 -9.34
C ASP B 191 -14.89 16.17 -7.96
N SER B 192 -15.99 16.43 -7.28
CA SER B 192 -15.89 17.02 -5.96
C SER B 192 -15.15 16.07 -5.01
N ASP B 193 -15.35 14.76 -5.17
CA ASP B 193 -14.65 13.78 -4.33
C ASP B 193 -13.15 13.76 -4.70
N LEU B 194 -12.87 13.63 -5.99
CA LEU B 194 -11.50 13.56 -6.49
C LEU B 194 -10.62 14.77 -6.14
N ALA B 195 -11.21 15.96 -6.15
CA ALA B 195 -10.45 17.16 -5.82
C ALA B 195 -9.79 17.03 -4.44
N ILE B 196 -10.55 16.54 -3.46
CA ILE B 196 -9.99 16.40 -2.12
C ILE B 196 -9.02 15.22 -2.06
N PHE B 197 -9.34 14.14 -2.76
CA PHE B 197 -8.46 12.96 -2.77
C PHE B 197 -7.09 13.32 -3.34
N ILE B 198 -7.08 14.05 -4.45
CA ILE B 198 -5.83 14.45 -5.08
C ILE B 198 -5.02 15.31 -4.13
N ALA B 199 -5.69 16.18 -3.39
CA ALA B 199 -5.00 17.05 -2.44
C ALA B 199 -4.34 16.19 -1.34
N VAL B 200 -5.06 15.17 -0.90
CA VAL B 200 -4.55 14.26 0.14
C VAL B 200 -3.28 13.59 -0.39
N ILE B 201 -3.31 13.10 -1.61
CA ILE B 201 -2.13 12.46 -2.20
C ILE B 201 -0.94 13.42 -2.21
N ILE B 202 -1.18 14.67 -2.61
CA ILE B 202 -0.07 15.62 -2.65
C ILE B 202 0.58 15.85 -1.29
N LEU B 203 -0.24 15.99 -0.25
CA LEU B 203 0.29 16.24 1.08
C LEU B 203 0.67 14.96 1.84
N SER B 204 1.48 14.12 1.21
CA SER B 204 1.96 12.88 1.83
C SER B 204 3.26 13.16 2.58
N GLY B 205 3.20 13.03 3.90
CA GLY B 205 4.36 13.28 4.74
C GLY B 205 5.44 12.22 4.72
N ASP B 206 5.24 11.16 3.95
CA ASP B 206 6.24 10.11 3.91
C ASP B 206 7.13 10.15 2.67
N ARG B 207 7.07 11.23 1.90
CA ARG B 207 7.94 11.31 0.72
C ARG B 207 9.38 11.41 1.22
N PRO B 208 10.33 10.76 0.53
CA PRO B 208 11.72 10.85 0.97
C PRO B 208 12.33 12.24 0.79
N GLY B 209 13.21 12.62 1.71
CA GLY B 209 13.87 13.91 1.61
C GLY B 209 13.13 15.12 2.16
N LEU B 210 11.93 14.93 2.71
CA LEU B 210 11.18 16.05 3.25
C LEU B 210 11.93 16.63 4.45
N LEU B 211 11.91 17.97 4.57
CA LEU B 211 12.61 18.64 5.66
C LEU B 211 11.75 18.93 6.90
N ASN B 212 10.49 19.29 6.70
CA ASN B 212 9.60 19.59 7.81
C ASN B 212 8.27 18.87 7.61
N VAL B 213 8.24 17.61 8.05
CA VAL B 213 7.06 16.75 7.92
C VAL B 213 5.81 17.21 8.66
N LYS B 214 5.97 17.88 9.79
CA LYS B 214 4.82 18.30 10.59
C LYS B 214 3.70 19.06 9.89
N PRO B 215 4.02 20.20 9.25
CA PRO B 215 3.01 21.02 8.55
C PRO B 215 2.30 20.21 7.49
N ILE B 216 3.05 19.36 6.83
CA ILE B 216 2.50 18.51 5.78
C ILE B 216 1.44 17.58 6.33
N GLU B 217 1.78 16.86 7.41
CA GLU B 217 0.82 15.94 8.02
C GLU B 217 -0.38 16.70 8.59
N ASP B 218 -0.15 17.89 9.14
CA ASP B 218 -1.24 18.69 9.69
C ASP B 218 -2.22 19.12 8.62
N ILE B 219 -1.70 19.45 7.43
CA ILE B 219 -2.59 19.84 6.35
C ILE B 219 -3.33 18.61 5.83
N GLN B 220 -2.61 17.51 5.67
CA GLN B 220 -3.24 16.28 5.18
C GLN B 220 -4.33 15.85 6.16
N ASP B 221 -4.04 15.96 7.45
CA ASP B 221 -5.03 15.60 8.48
C ASP B 221 -6.30 16.39 8.21
N ASN B 222 -6.13 17.67 7.92
CA ASN B 222 -7.25 18.56 7.64
C ASN B 222 -7.98 18.09 6.37
N LEU B 223 -7.21 17.79 5.32
CA LEU B 223 -7.79 17.32 4.06
C LEU B 223 -8.50 15.98 4.21
N LEU B 224 -7.94 15.09 5.03
CA LEU B 224 -8.54 13.79 5.26
C LEU B 224 -9.91 13.96 5.94
N GLN B 225 -10.00 14.89 6.88
CA GLN B 225 -11.27 15.14 7.57
C GLN B 225 -12.29 15.66 6.56
N ALA B 226 -11.83 16.49 5.63
CA ALA B 226 -12.72 17.05 4.62
C ALA B 226 -13.17 15.99 3.63
N LEU B 227 -12.28 15.07 3.30
CA LEU B 227 -12.61 14.01 2.34
C LEU B 227 -13.63 13.05 2.95
N GLU B 228 -13.46 12.75 4.24
CA GLU B 228 -14.37 11.84 4.94
C GLU B 228 -15.78 12.41 4.94
N LEU B 229 -15.92 13.67 5.37
CA LEU B 229 -17.23 14.29 5.43
C LEU B 229 -17.83 14.35 4.03
N GLN B 230 -17.01 14.71 3.06
CA GLN B 230 -17.45 14.81 1.67
C GLN B 230 -18.02 13.48 1.18
N LEU B 231 -17.33 12.38 1.46
CA LEU B 231 -17.79 11.06 1.03
C LEU B 231 -19.04 10.62 1.80
N LYS B 232 -19.14 11.02 3.05
CA LYS B 232 -20.31 10.67 3.86
C LYS B 232 -21.54 11.45 3.42
N LEU B 233 -21.33 12.70 2.99
CA LEU B 233 -22.44 13.54 2.54
C LEU B 233 -22.80 13.32 1.08
N ASN B 234 -21.81 12.96 0.27
CA ASN B 234 -22.03 12.77 -1.16
C ASN B 234 -22.46 11.35 -1.52
N HIS B 235 -22.14 10.39 -0.65
CA HIS B 235 -22.47 8.98 -0.90
C HIS B 235 -22.94 8.32 0.39
N PRO B 236 -24.08 8.77 0.95
CA PRO B 236 -24.61 8.20 2.20
C PRO B 236 -24.72 6.69 2.07
N GLU B 237 -25.06 6.28 0.86
CA GLU B 237 -25.23 4.89 0.47
C GLU B 237 -24.00 3.98 0.65
N SER B 238 -22.89 4.36 0.01
CA SER B 238 -21.65 3.57 0.04
C SER B 238 -20.92 3.50 1.38
N SER B 239 -21.15 2.41 2.09
CA SER B 239 -20.52 2.20 3.40
C SER B 239 -19.00 2.06 3.30
N GLN B 240 -18.32 2.73 4.22
CA GLN B 240 -16.86 2.71 4.30
C GLN B 240 -16.12 3.12 3.03
N LEU B 241 -16.73 3.99 2.24
CA LEU B 241 -16.10 4.45 0.99
C LEU B 241 -14.77 5.15 1.26
N PHE B 242 -14.70 5.87 2.38
CA PHE B 242 -13.49 6.57 2.77
C PHE B 242 -12.36 5.55 2.90
N ALA B 243 -12.60 4.52 3.71
CA ALA B 243 -11.62 3.47 3.91
C ALA B 243 -11.23 2.84 2.58
N LYS B 244 -12.22 2.50 1.77
CA LYS B 244 -11.95 1.85 0.48
C LYS B 244 -11.10 2.71 -0.45
N LEU B 245 -11.34 4.01 -0.44
CA LEU B 245 -10.58 4.92 -1.29
C LEU B 245 -9.12 4.98 -0.80
N LEU B 246 -8.93 5.10 0.50
CA LEU B 246 -7.58 5.14 1.04
C LEU B 246 -6.84 3.86 0.68
N GLN B 247 -7.56 2.74 0.65
CA GLN B 247 -6.93 1.47 0.33
C GLN B 247 -6.42 1.43 -1.10
N LYS B 248 -7.03 2.24 -1.99
CA LYS B 248 -6.60 2.29 -3.39
C LYS B 248 -5.21 2.91 -3.51
N MET B 249 -4.72 3.49 -2.43
CA MET B 249 -3.40 4.11 -2.42
C MET B 249 -2.38 3.01 -2.67
N THR B 250 -2.67 1.83 -2.16
CA THR B 250 -1.79 0.69 -2.31
C THR B 250 -1.64 0.32 -3.79
N ASP B 251 -2.74 0.42 -4.54
CA ASP B 251 -2.71 0.09 -5.95
C ASP B 251 -2.00 1.14 -6.78
N LEU B 252 -2.07 2.40 -6.37
CA LEU B 252 -1.40 3.45 -7.12
C LEU B 252 0.11 3.34 -7.01
N ARG B 253 0.60 3.25 -5.78
CA ARG B 253 2.04 3.15 -5.56
C ARG B 253 2.63 1.90 -6.20
N GLN B 254 1.88 0.82 -6.19
CA GLN B 254 2.34 -0.43 -6.79
C GLN B 254 2.42 -0.26 -8.31
N ILE B 255 1.46 0.46 -8.87
CA ILE B 255 1.43 0.72 -10.30
C ILE B 255 2.52 1.71 -10.70
N VAL B 256 2.84 2.64 -9.81
CA VAL B 256 3.88 3.63 -10.09
C VAL B 256 5.25 2.99 -10.08
N THR B 257 5.52 2.17 -9.07
CA THR B 257 6.79 1.49 -8.96
C THR B 257 7.00 0.63 -10.21
N GLU B 258 5.94 -0.07 -10.59
CA GLU B 258 5.95 -0.95 -11.75
C GLU B 258 6.11 -0.15 -13.04
N HIS B 259 5.61 1.08 -13.05
CA HIS B 259 5.72 1.92 -14.24
C HIS B 259 7.17 2.37 -14.41
N VAL B 260 7.83 2.62 -13.28
CA VAL B 260 9.22 3.05 -13.29
C VAL B 260 10.10 1.95 -13.86
N GLN B 261 9.88 0.72 -13.41
CA GLN B 261 10.66 -0.42 -13.89
C GLN B 261 10.48 -0.64 -15.38
N LEU B 262 9.29 -0.33 -15.89
CA LEU B 262 9.02 -0.49 -17.30
C LEU B 262 9.80 0.54 -18.10
N LEU B 263 9.86 1.77 -17.58
CA LEU B 263 10.56 2.85 -18.25
C LEU B 263 12.04 2.52 -18.43
N GLN B 264 12.65 1.93 -17.41
CA GLN B 264 14.05 1.55 -17.50
C GLN B 264 14.23 0.52 -18.60
N VAL B 265 13.63 -0.66 -18.42
CA VAL B 265 13.74 -1.72 -19.41
C VAL B 265 13.62 -1.18 -20.83
N ILE B 266 12.70 -0.23 -21.04
CA ILE B 266 12.49 0.37 -22.36
C ILE B 266 13.84 0.79 -22.96
N LYS B 267 14.68 1.42 -22.14
CA LYS B 267 15.99 1.87 -22.59
C LYS B 267 16.69 0.87 -23.52
N LYS B 268 16.42 -0.42 -23.32
CA LYS B 268 17.00 -1.47 -24.16
C LYS B 268 16.44 -1.41 -25.58
N THR B 269 15.85 -0.27 -25.92
CA THR B 269 15.29 -0.04 -27.24
C THR B 269 16.09 1.14 -27.78
N GLU B 270 16.72 0.96 -28.93
CA GLU B 270 17.54 2.01 -29.52
C GLU B 270 16.89 2.79 -30.67
N THR B 271 15.65 3.23 -30.45
CA THR B 271 14.93 3.99 -31.47
C THR B 271 13.70 4.66 -30.86
N HIS B 276 15.97 16.73 -30.85
CA HIS B 276 15.82 15.56 -29.99
C HIS B 276 16.54 15.80 -28.66
N PRO B 277 17.83 16.21 -28.71
CA PRO B 277 18.57 16.45 -27.47
C PRO B 277 17.81 17.41 -26.55
N LEU B 278 17.21 18.45 -27.12
CA LEU B 278 16.45 19.39 -26.32
C LEU B 278 15.16 18.71 -25.90
N LEU B 279 14.68 17.79 -26.74
CA LEU B 279 13.47 17.04 -26.44
C LEU B 279 13.70 16.21 -25.19
N GLN B 280 14.75 15.39 -25.21
CA GLN B 280 15.08 14.55 -24.07
C GLN B 280 15.15 15.38 -22.80
N GLU B 281 15.73 16.57 -22.92
CA GLU B 281 15.86 17.47 -21.78
C GLU B 281 14.49 17.85 -21.24
N ILE B 282 13.58 18.22 -22.13
CA ILE B 282 12.24 18.60 -21.71
C ILE B 282 11.54 17.45 -20.98
N TYR B 283 11.77 16.23 -21.44
CA TYR B 283 11.15 15.05 -20.83
C TYR B 283 12.11 14.26 -19.94
C1 NRO C . 8.31 -13.99 12.56
C2 NRO C . 9.46 -12.97 12.58
C3 NRO C . 10.77 -13.57 12.05
C4 NRO C . 11.90 -12.52 12.07
C8 NRO C . 13.26 -13.03 11.46
C10 NRO C . 14.32 -13.30 12.55
C14 NRO C . 15.48 -14.27 14.12
C15 NRO C . 15.89 -15.28 15.02
C16 NRO C . 17.28 -15.65 15.11
C17 NRO C . 14.92 -15.92 15.86
C19 NRO C . 16.69 -17.32 16.86
C20 NRO C . 17.69 -16.68 16.03
C21 NRO C . 19.19 -17.10 16.14
N5 NRO C . 12.15 -12.05 13.48
O6 NRO C . 12.62 -10.72 13.66
O7 NRO C . 11.91 -12.87 14.63
O11 NRO C . 14.41 -14.46 13.27
C12 NRO C . 15.26 -12.45 12.94
C13 NRO C . 15.98 -13.05 13.90
C18 NRO C . 15.32 -16.95 16.77
O22 NRO C . 20.04 -16.54 15.41
O23 NRO C . 19.51 -18.01 16.95
C IMN D . 13.13 -13.57 6.75
C1 IMN D . 11.82 -14.06 6.96
C2 IMN D . 10.83 -13.22 7.56
C3 IMN D . 11.16 -11.90 7.96
C4 IMN D . 12.46 -11.43 7.75
C5 IMN D . 13.43 -12.23 7.16
C6 IMN D . 9.22 -11.77 9.24
C7 IMN D . 11.79 -15.43 6.45
C8 IMN D . 13.04 -15.72 5.97
C9 IMN D . 15.25 -14.54 5.77
C10 IMN D . 16.37 -14.06 6.68
C11 IMN D . 17.72 -13.98 6.19
C12 IMN D . 18.76 -13.52 7.02
C13 IMN D . 18.48 -13.11 8.35
C14 IMN D . 17.18 -13.19 8.85
C15 IMN D . 16.14 -13.65 8.04
C16 IMN D . 13.44 -17.06 5.36
C17 IMN D . 10.56 -16.33 6.47
C18 IMN D . 9.52 -15.92 5.42
N IMN D . 13.89 -14.61 6.14
O IMN D . 10.25 -11.04 8.55
O1 IMN D . 15.53 -14.87 4.61
O2 IMN D . 9.72 -14.98 4.67
O3 IMN D . 8.37 -16.59 5.34
CL IMN D . 19.74 -12.53 9.37
C IMN E . -2.26 10.34 -20.64
C1 IMN E . -3.30 11.21 -20.18
C2 IMN E . -3.11 12.02 -19.03
C3 IMN E . -1.88 11.98 -18.33
C4 IMN E . -0.84 11.12 -18.80
C5 IMN E . -1.03 10.31 -19.94
C6 IMN E . -2.76 12.57 -16.28
C7 IMN E . -4.44 11.04 -21.07
C8 IMN E . -4.09 10.14 -22.00
C9 IMN E . -2.09 8.76 -22.55
C10 IMN E . -1.70 9.01 -24.01
C11 IMN E . -1.01 8.00 -24.75
C12 IMN E . -0.65 8.22 -26.10
C13 IMN E . -0.98 9.45 -26.73
C14 IMN E . -1.64 10.46 -26.01
C15 IMN E . -2.00 10.26 -24.67
C16 IMN E . -5.01 9.69 -23.11
C17 IMN E . -5.75 11.79 -20.94
C18 IMN E . -5.73 13.12 -21.69
N IMN E . -2.77 9.70 -21.78
O IMN E . -1.68 12.77 -17.22
O1 IMN E . -1.81 7.68 -22.05
O2 IMN E . -4.74 13.48 -22.30
O3 IMN E . -6.81 13.91 -21.68
CL IMN E . -0.54 9.71 -28.40
#